data_9GFJ
#
_entry.id   9GFJ
#
_cell.length_a   127.539
_cell.length_b   57.694
_cell.length_c   63.046
_cell.angle_alpha   90.000
_cell.angle_beta   94.668
_cell.angle_gamma   90.000
#
_symmetry.space_group_name_H-M   'C 1 2 1'
#
loop_
_entity.id
_entity.type
_entity.pdbx_description
1 polymer 'Fab fragment heavy chain'
2 polymer 'Fab fragment light chain'
3 non-polymer 1,2-ETHANEDIOL
4 non-polymer '4-(2-HYDROXYETHYL)-1-PIPERAZINE ETHANESULFONIC ACID'
5 non-polymer 1-[(1~{S},3~{R},4~{R},7~{S})-7-[[(1~{R},3~{R},4~{R},7~{S})-7-[[(1~{R},3~{R},4~{R},7~{S})-3-(6-aminopurin-9-yl)-7-[[(1~{R},3~{R},4~{R},7~{S})-3-(4-azanyl-5-methyl-2-oxidanylidene-pyrimidin-1-yl)-7-oxidanyl-2,5-dioxabicyclo[2.2.1]heptan-1-yl]methoxy-sulfanyl-phosphoryl]oxy-2,5-dioxabicyclo[2.2.1]heptan-1-yl]methoxy-sulfanyl-phosphoryl]oxy-3-(4-azanyl-5-methyl-2-oxidanylidene-pyrimidin-1-yl)-2,5-dioxabicyclo[2.2.1]heptan-1-yl]methoxy-sulfanyl-phosphoryl]oxy-1-(hydroxymethyl)-2,5-dioxabicyclo[2.2.1]heptan-3-yl]-5-methyl-pyrimidine-2,4-dione
6 water water
#
loop_
_entity_poly.entity_id
_entity_poly.type
_entity_poly.pdbx_seq_one_letter_code
_entity_poly.pdbx_strand_id
1 'polypeptide(L)'
;(PCA)VQLQQSGAELVRPGTSVKVSCKASGYAFTNYLIEWIKQRPGQGLEWIGVINPGSGGTNYNEKFRVKATLTADKSS
STAYMQLSSLTSDDSAVYFCARGGGYYWGQGTLVTVSAASTKGPSVFPLAPSSKSTSGGTAALGCLVKDYFPEPVTVSWN
SGALTSGVHTFPAVLQSSGLYSLSSVVTVPSSSLGTQTYICNVNHKPSNTKVDKKVEPKSCGGGGSEPEA
;
H
2 'polypeptide(L)'
;DIVMTQAAPSVPVTPGESVSISCRSSKSLLHSNGNTYLFWFLQRPGQSPQVLIYRMSNLASGVPDRFSGSGSGTAFTLRI
SRVEAEDVGVYYCMQHLEYPYTFGSGTRLEIKRTVAAPSVFIFPPSDEQLKSGTASVVCLLNNFYPREAKVQWKVDNALQ
SGNSQESVTEQDSKDSTYSLSSTLTLSKADYEKHKVYACEVTHQGLSSPVTKSFNRGEC
;
L
#
loop_
_chem_comp.id
_chem_comp.type
_chem_comp.name
_chem_comp.formula
A1IKV non-polymer 1-[(1~{S},3~{R},4~{R},7~{S})-7-[[(1~{R},3~{R},4~{R},7~{S})-7-[[(1~{R},3~{R},4~{R},7~{S})-3-(6-aminopurin-9-yl)-7-[[(1~{R},3~{R},4~{R},7~{S})-3-(4-azanyl-5-methyl-2-oxidanylidene-pyrimidin-1-yl)-7-oxidanyl-2,5-dioxabicyclo[2.2.1]heptan-1-yl]methoxy-sulfanyl-phosphoryl]oxy-2,5-dioxabicyclo[2.2.1]heptan-1-yl]methoxy-sulfanyl-phosphoryl]oxy-3-(4-azanyl-5-methyl-2-oxidanylidene-pyrimidin-1-yl)-2,5-dioxabicyclo[2.2.1]heptan-1-yl]methoxy-sulfanyl-phosphoryl]oxy-1-(hydroxymethyl)-2,5-dioxabicyclo[2.2.1]heptan-3-yl]-5-methyl-pyrimidine-2,4-dione 'C44 H54 N13 O23 P3 S3'
EDO non-polymer 1,2-ETHANEDIOL 'C2 H6 O2'
EPE non-polymer '4-(2-HYDROXYETHYL)-1-PIPERAZINE ETHANESULFONIC ACID' 'C8 H18 N2 O4 S'
#
# COMPACT_ATOMS: atom_id res chain seq x y z
N PCA A 1 -9.99 -11.75 -23.83
CA PCA A 1 -10.09 -11.02 -22.58
CB PCA A 1 -9.03 -11.53 -21.61
CG PCA A 1 -8.49 -12.76 -22.35
CD PCA A 1 -9.11 -12.75 -23.75
OE PCA A 1 -8.84 -13.53 -24.66
C PCA A 1 -9.96 -9.52 -22.77
O PCA A 1 -9.09 -9.04 -23.50
N VAL A 2 -10.85 -8.78 -22.11
CA VAL A 2 -10.75 -7.34 -22.06
C VAL A 2 -9.53 -6.95 -21.21
N GLN A 3 -8.75 -5.98 -21.69
CA GLN A 3 -7.63 -5.43 -20.93
C GLN A 3 -7.56 -3.94 -21.13
N LEU A 4 -7.20 -3.23 -20.07
CA LEU A 4 -6.92 -1.81 -20.10
C LEU A 4 -5.49 -1.63 -19.62
N GLN A 5 -4.60 -1.21 -20.51
CA GLN A 5 -3.18 -1.12 -20.23
C GLN A 5 -2.80 0.35 -20.12
N GLN A 6 -2.41 0.77 -18.91
CA GLN A 6 -2.09 2.16 -18.66
C GLN A 6 -0.59 2.42 -18.85
N SER A 7 -0.27 3.68 -19.11
CA SER A 7 1.12 4.06 -19.31
C SER A 7 1.88 4.04 -17.98
N GLY A 8 3.21 4.09 -18.09
CA GLY A 8 4.06 3.94 -16.93
C GLY A 8 4.10 5.16 -16.01
N ALA A 9 4.76 4.97 -14.88
CA ALA A 9 4.84 5.99 -13.85
C ALA A 9 5.49 7.26 -14.39
N GLU A 10 5.13 8.39 -13.78
CA GLU A 10 5.58 9.71 -14.21
C GLU A 10 6.15 10.46 -13.00
N LEU A 11 7.32 11.07 -13.18
CA LEU A 11 7.86 12.04 -12.24
C LEU A 11 7.95 13.36 -13.01
N VAL A 12 7.16 14.34 -12.59
CA VAL A 12 6.94 15.56 -13.35
C VAL A 12 6.99 16.77 -12.44
N ARG A 13 7.43 17.90 -13.01
CA ARG A 13 7.66 19.08 -12.19
C ARG A 13 6.38 19.88 -11.99
N PRO A 14 6.28 20.60 -10.87
CA PRO A 14 5.08 21.40 -10.61
C PRO A 14 4.91 22.50 -11.64
N GLY A 15 3.66 22.85 -11.90
CA GLY A 15 3.33 23.84 -12.90
C GLY A 15 3.28 23.32 -14.32
N THR A 16 3.72 22.08 -14.57
CA THR A 16 3.71 21.51 -15.90
C THR A 16 2.42 20.72 -16.11
N SER A 17 2.34 20.00 -17.23
CA SER A 17 1.22 19.13 -17.51
CA SER A 17 1.21 19.14 -17.54
C SER A 17 1.72 17.73 -17.81
N VAL A 18 0.86 16.74 -17.55
CA VAL A 18 1.16 15.35 -17.83
C VAL A 18 -0.04 14.70 -18.50
N LYS A 19 0.23 13.78 -19.42
CA LYS A 19 -0.81 13.11 -20.18
C LYS A 19 -0.61 11.61 -20.05
N VAL A 20 -1.55 10.93 -19.42
CA VAL A 20 -1.47 9.49 -19.20
C VAL A 20 -2.47 8.79 -20.12
N SER A 21 -2.16 7.55 -20.48
CA SER A 21 -2.95 6.84 -21.46
C SER A 21 -3.50 5.53 -20.91
N CYS A 22 -4.52 5.02 -21.59
CA CYS A 22 -5.24 3.82 -21.20
C CYS A 22 -5.63 3.11 -22.50
N LYS A 23 -4.84 2.10 -22.88
CA LYS A 23 -5.06 1.41 -24.15
C LYS A 23 -5.99 0.23 -23.93
N ALA A 24 -7.12 0.25 -24.62
CA ALA A 24 -8.10 -0.80 -24.48
C ALA A 24 -7.88 -1.85 -25.56
N SER A 25 -8.15 -3.10 -25.20
CA SER A 25 -8.12 -4.19 -26.16
C SER A 25 -9.13 -5.25 -25.75
N GLY A 26 -9.48 -6.11 -26.71
CA GLY A 26 -10.39 -7.20 -26.44
C GLY A 26 -11.86 -6.88 -26.56
N TYR A 27 -12.22 -5.68 -27.04
CA TYR A 27 -13.62 -5.31 -27.20
C TYR A 27 -13.68 -4.09 -28.11
N ALA A 28 -14.90 -3.77 -28.54
CA ALA A 28 -15.14 -2.60 -29.39
C ALA A 28 -14.99 -1.35 -28.54
N PHE A 29 -13.86 -0.65 -28.71
CA PHE A 29 -13.51 0.49 -27.87
C PHE A 29 -14.59 1.56 -27.88
N THR A 30 -15.25 1.77 -29.03
CA THR A 30 -16.18 2.88 -29.16
C THR A 30 -17.56 2.59 -28.58
N ASN A 31 -17.80 1.40 -28.05
CA ASN A 31 -19.13 1.01 -27.58
C ASN A 31 -19.26 1.05 -26.06
N TYR A 32 -18.23 1.53 -25.35
CA TYR A 32 -18.25 1.52 -23.90
C TYR A 32 -17.57 2.79 -23.40
N LEU A 33 -18.05 3.28 -22.25
CA LEU A 33 -17.46 4.45 -21.61
C LEU A 33 -16.15 4.08 -20.92
N ILE A 34 -15.27 5.08 -20.78
CA ILE A 34 -14.05 4.98 -19.98
C ILE A 34 -14.14 6.03 -18.89
N GLU A 35 -13.95 5.60 -17.64
CA GLU A 35 -13.96 6.48 -16.49
C GLU A 35 -12.55 6.58 -15.91
N TRP A 36 -12.27 7.69 -15.23
CA TRP A 36 -10.98 7.92 -14.62
C TRP A 36 -11.16 8.19 -13.13
N ILE A 37 -10.24 7.65 -12.33
CA ILE A 37 -10.34 7.60 -10.88
C ILE A 37 -8.99 7.99 -10.32
N LYS A 38 -8.98 8.85 -9.30
CA LYS A 38 -7.78 9.28 -8.60
C LYS A 38 -7.71 8.64 -7.23
N GLN A 39 -6.51 8.21 -6.82
CA GLN A 39 -6.30 7.69 -5.48
C GLN A 39 -4.99 8.24 -4.93
N ARG A 40 -5.09 9.18 -4.01
CA ARG A 40 -3.91 9.69 -3.32
CA ARG A 40 -3.88 9.66 -3.37
C ARG A 40 -3.32 8.59 -2.43
N PRO A 41 -1.99 8.62 -2.20
CA PRO A 41 -1.35 7.58 -1.38
C PRO A 41 -2.05 7.39 -0.04
N GLY A 42 -2.47 6.16 0.23
CA GLY A 42 -3.10 5.80 1.49
C GLY A 42 -4.51 6.30 1.67
N GLN A 43 -5.12 6.88 0.64
CA GLN A 43 -6.43 7.48 0.72
C GLN A 43 -7.43 6.68 -0.11
N GLY A 44 -8.64 7.20 -0.20
CA GLY A 44 -9.72 6.53 -0.90
C GLY A 44 -9.77 6.90 -2.37
N LEU A 45 -10.87 6.50 -3.01
CA LEU A 45 -11.08 6.72 -4.43
C LEU A 45 -11.86 8.00 -4.68
N GLU A 46 -11.50 8.71 -5.75
CA GLU A 46 -12.20 9.91 -6.18
C GLU A 46 -12.47 9.80 -7.68
N TRP A 47 -13.67 10.17 -8.09
CA TRP A 47 -14.09 10.05 -9.49
C TRP A 47 -13.76 11.35 -10.22
N ILE A 48 -12.99 11.24 -11.31
CA ILE A 48 -12.59 12.40 -12.10
C ILE A 48 -13.62 12.72 -13.17
N GLY A 49 -13.99 11.71 -13.95
CA GLY A 49 -14.89 11.95 -15.05
C GLY A 49 -14.97 10.74 -15.96
N VAL A 50 -15.69 10.94 -17.06
CA VAL A 50 -16.00 9.86 -17.98
C VAL A 50 -15.98 10.41 -19.40
N ILE A 51 -15.59 9.57 -20.35
CA ILE A 51 -15.66 9.90 -21.77
C ILE A 51 -16.37 8.77 -22.49
N ASN A 52 -17.17 9.16 -23.49
CA ASN A 52 -17.72 8.23 -24.47
C ASN A 52 -16.79 8.28 -25.68
N PRO A 53 -15.97 7.27 -25.92
CA PRO A 53 -15.01 7.35 -27.04
C PRO A 53 -15.68 7.36 -28.40
N GLY A 54 -16.90 6.84 -28.52
CA GLY A 54 -17.58 6.88 -29.81
C GLY A 54 -18.02 8.27 -30.20
N SER A 55 -18.57 9.02 -29.24
CA SER A 55 -19.08 10.36 -29.51
C SER A 55 -18.12 11.46 -29.11
N GLY A 56 -17.10 11.16 -28.32
CA GLY A 56 -16.22 12.17 -27.79
C GLY A 56 -16.78 12.96 -26.62
N GLY A 57 -18.00 12.65 -26.19
CA GLY A 57 -18.61 13.42 -25.13
C GLY A 57 -18.04 13.07 -23.77
N THR A 58 -18.02 14.07 -22.90
CA THR A 58 -17.36 13.94 -21.60
C THR A 58 -18.26 14.48 -20.50
N ASN A 59 -18.01 14.00 -19.28
CA ASN A 59 -18.56 14.61 -18.09
C ASN A 59 -17.46 14.62 -17.04
N TYR A 60 -17.32 15.75 -16.37
CA TYR A 60 -16.29 15.91 -15.35
C TYR A 60 -16.91 16.21 -14.00
N ASN A 61 -16.35 15.59 -12.97
CA ASN A 61 -16.51 16.10 -11.61
C ASN A 61 -16.05 17.56 -11.58
N GLU A 62 -16.91 18.44 -11.07
CA GLU A 62 -16.54 19.86 -10.94
C GLU A 62 -15.16 20.05 -10.32
N LYS A 63 -14.80 19.22 -9.35
CA LYS A 63 -13.49 19.37 -8.70
C LYS A 63 -12.32 19.15 -9.65
N PHE A 64 -12.56 18.51 -10.80
CA PHE A 64 -11.51 18.23 -11.78
C PHE A 64 -11.72 18.96 -13.10
N ARG A 65 -12.75 19.82 -13.19
CA ARG A 65 -13.09 20.44 -14.46
C ARG A 65 -11.94 21.25 -15.03
N VAL A 66 -11.27 22.04 -14.18
CA VAL A 66 -10.13 22.84 -14.62
C VAL A 66 -8.88 21.98 -14.77
N LYS A 67 -8.70 20.99 -13.90
CA LYS A 67 -7.48 20.20 -13.84
C LYS A 67 -7.35 19.24 -15.02
N ALA A 68 -8.44 18.57 -15.39
CA ALA A 68 -8.37 17.38 -16.22
C ALA A 68 -9.03 17.59 -17.57
N THR A 69 -8.45 16.95 -18.59
CA THR A 69 -9.02 16.90 -19.93
C THR A 69 -8.97 15.47 -20.41
N LEU A 70 -10.13 14.92 -20.77
CA LEU A 70 -10.25 13.55 -21.25
C LEU A 70 -10.44 13.56 -22.75
N THR A 71 -9.66 12.74 -23.45
CA THR A 71 -9.78 12.57 -24.90
C THR A 71 -9.71 11.09 -25.21
N ALA A 72 -10.05 10.74 -26.45
CA ALA A 72 -9.98 9.35 -26.89
C ALA A 72 -9.58 9.31 -28.36
N ASP A 73 -8.77 8.32 -28.71
CA ASP A 73 -8.29 8.11 -30.07
C ASP A 73 -8.86 6.79 -30.56
N LYS A 74 -9.85 6.87 -31.45
CA LYS A 74 -10.51 5.65 -31.93
C LYS A 74 -9.56 4.74 -32.68
N SER A 75 -8.60 5.33 -33.41
CA SER A 75 -7.73 4.53 -34.27
C SER A 75 -6.81 3.62 -33.45
N SER A 76 -6.31 4.11 -32.32
CA SER A 76 -5.42 3.34 -31.45
C SER A 76 -6.14 2.72 -30.25
N SER A 77 -7.46 2.88 -30.15
CA SER A 77 -8.24 2.35 -29.02
C SER A 77 -7.64 2.78 -27.69
N THR A 78 -7.29 4.06 -27.59
CA THR A 78 -6.61 4.60 -26.42
C THR A 78 -7.38 5.79 -25.87
N ALA A 79 -7.55 5.82 -24.55
CA ALA A 79 -8.10 6.96 -23.84
C ALA A 79 -6.96 7.69 -23.14
N TYR A 80 -7.07 9.01 -23.07
CA TYR A 80 -6.04 9.85 -22.49
C TYR A 80 -6.63 10.74 -21.43
N MET A 81 -5.85 11.03 -20.40
CA MET A 81 -6.20 12.03 -19.41
C MET A 81 -5.00 12.96 -19.24
N GLN A 82 -5.22 14.24 -19.49
CA GLN A 82 -4.20 15.25 -19.27
C GLN A 82 -4.52 16.03 -18.00
N LEU A 83 -3.53 16.20 -17.14
CA LEU A 83 -3.65 17.02 -15.95
C LEU A 83 -2.76 18.24 -16.13
N SER A 84 -3.32 19.42 -15.90
CA SER A 84 -2.60 20.67 -16.10
CA SER A 84 -2.62 20.68 -16.10
C SER A 84 -2.28 21.31 -14.75
N SER A 85 -1.37 22.28 -14.79
CA SER A 85 -1.01 23.08 -13.63
C SER A 85 -0.73 22.20 -12.40
N LEU A 86 0.16 21.24 -12.60
CA LEU A 86 0.36 20.19 -11.61
C LEU A 86 0.89 20.76 -10.30
N THR A 87 0.36 20.26 -9.19
CA THR A 87 0.88 20.55 -7.87
C THR A 87 1.05 19.23 -7.13
N SER A 88 1.60 19.32 -5.91
CA SER A 88 1.81 18.11 -5.11
C SER A 88 0.48 17.42 -4.79
N ASP A 89 -0.61 18.17 -4.75
CA ASP A 89 -1.93 17.59 -4.52
C ASP A 89 -2.33 16.62 -5.63
N ASP A 90 -1.69 16.71 -6.79
CA ASP A 90 -2.00 15.81 -7.89
C ASP A 90 -1.20 14.51 -7.85
N SER A 91 -0.23 14.40 -6.95
CA SER A 91 0.51 13.15 -6.78
C SER A 91 -0.45 12.07 -6.31
N ALA A 92 -0.56 11.00 -7.08
CA ALA A 92 -1.59 9.98 -6.85
C ALA A 92 -1.41 8.87 -7.87
N VAL A 93 -2.13 7.78 -7.65
CA VAL A 93 -2.33 6.77 -8.69
C VAL A 93 -3.61 7.12 -9.41
N TYR A 94 -3.58 7.11 -10.73
CA TYR A 94 -4.74 7.36 -11.56
C TYR A 94 -5.10 6.08 -12.29
N PHE A 95 -6.37 5.68 -12.18
CA PHE A 95 -6.88 4.49 -12.83
C PHE A 95 -7.83 4.88 -13.95
N CYS A 96 -7.79 4.13 -15.04
CA CYS A 96 -8.92 4.11 -15.94
C CYS A 96 -9.71 2.83 -15.70
N ALA A 97 -11.00 2.88 -16.06
CA ALA A 97 -11.90 1.75 -15.89
C ALA A 97 -12.97 1.81 -16.95
N ARG A 98 -13.39 0.66 -17.42
CA ARG A 98 -14.52 0.65 -18.34
C ARG A 98 -15.80 0.86 -17.53
N GLY A 99 -16.74 1.57 -18.14
CA GLY A 99 -18.01 1.92 -17.50
C GLY A 99 -18.56 0.83 -16.60
N GLY A 100 -18.94 1.20 -15.39
CA GLY A 100 -19.48 0.27 -14.43
C GLY A 100 -18.47 -0.35 -13.49
N GLY A 101 -17.19 -0.39 -13.88
CA GLY A 101 -16.15 -0.80 -12.96
C GLY A 101 -15.90 -2.28 -12.87
N TYR A 102 -16.20 -3.05 -13.92
CA TYR A 102 -15.72 -4.44 -13.92
C TYR A 102 -14.26 -4.51 -14.34
N TYR A 103 -13.90 -3.84 -15.42
CA TYR A 103 -12.55 -3.90 -15.98
C TYR A 103 -11.80 -2.62 -15.63
N TRP A 104 -10.63 -2.77 -15.02
CA TRP A 104 -9.81 -1.66 -14.59
C TRP A 104 -8.42 -1.76 -15.20
N GLY A 105 -7.82 -0.60 -15.45
CA GLY A 105 -6.41 -0.55 -15.73
C GLY A 105 -5.61 -0.77 -14.45
N GLN A 106 -4.31 -0.95 -14.62
CA GLN A 106 -3.45 -1.26 -13.49
C GLN A 106 -3.04 -0.03 -12.70
N GLY A 107 -3.38 1.16 -13.17
CA GLY A 107 -3.02 2.39 -12.48
C GLY A 107 -1.72 2.97 -13.00
N THR A 108 -1.64 4.29 -12.95
CA THR A 108 -0.43 5.05 -13.29
C THR A 108 -0.08 5.93 -12.10
N LEU A 109 1.12 5.77 -11.56
CA LEU A 109 1.59 6.63 -10.48
C LEU A 109 2.15 7.92 -11.06
N VAL A 110 1.65 9.05 -10.59
CA VAL A 110 2.15 10.36 -10.95
C VAL A 110 2.70 11.00 -9.69
N THR A 111 3.98 11.37 -9.71
CA THR A 111 4.61 12.09 -8.62
C THR A 111 4.98 13.46 -9.14
N VAL A 112 4.47 14.50 -8.49
CA VAL A 112 4.77 15.88 -8.83
C VAL A 112 5.78 16.40 -7.83
N SER A 113 6.97 16.76 -8.32
CA SER A 113 8.00 17.23 -7.41
C SER A 113 9.06 17.96 -8.21
N ALA A 114 9.62 19.00 -7.59
CA ALA A 114 10.80 19.68 -8.13
C ALA A 114 12.09 19.03 -7.66
N ALA A 115 12.01 18.05 -6.76
CA ALA A 115 13.20 17.44 -6.19
C ALA A 115 13.88 16.51 -7.19
N SER A 116 15.19 16.39 -7.05
CA SER A 116 15.98 15.57 -7.97
C SER A 116 15.85 14.10 -7.61
N THR A 117 15.88 13.27 -8.65
CA THR A 117 15.93 11.82 -8.45
C THR A 117 17.24 11.44 -7.77
N LYS A 118 17.17 10.47 -6.86
CA LYS A 118 18.34 10.00 -6.15
C LYS A 118 18.21 8.50 -5.91
N GLY A 119 19.25 7.75 -6.24
CA GLY A 119 19.24 6.32 -6.03
C GLY A 119 19.62 5.98 -4.61
N PRO A 120 19.16 4.81 -4.14
CA PRO A 120 19.42 4.41 -2.76
C PRO A 120 20.80 3.82 -2.56
N SER A 121 21.26 3.89 -1.30
CA SER A 121 22.29 3.00 -0.80
C SER A 121 21.60 1.81 -0.14
N VAL A 122 22.20 0.63 -0.27
CA VAL A 122 21.65 -0.60 0.27
C VAL A 122 22.66 -1.16 1.27
N PHE A 123 22.20 -1.38 2.50
CA PHE A 123 23.06 -1.89 3.56
C PHE A 123 22.50 -3.19 4.10
N PRO A 124 23.34 -4.15 4.46
CA PRO A 124 22.84 -5.41 4.98
C PRO A 124 22.36 -5.26 6.42
N LEU A 125 21.32 -6.02 6.75
CA LEU A 125 20.89 -6.23 8.14
C LEU A 125 21.27 -7.68 8.42
N ALA A 126 22.46 -7.87 8.99
CA ALA A 126 23.07 -9.19 9.06
C ALA A 126 22.42 -10.00 10.17
N PRO A 127 22.24 -11.30 9.97
CA PRO A 127 21.74 -12.14 11.06
C PRO A 127 22.81 -12.27 12.12
N SER A 128 22.37 -12.30 13.38
CA SER A 128 23.31 -12.49 14.48
C SER A 128 22.77 -13.48 15.50
N GLY A 134 14.84 -20.96 19.30
CA GLY A 134 13.75 -21.15 18.36
C GLY A 134 14.20 -21.61 16.98
N GLY A 135 15.49 -21.42 16.70
CA GLY A 135 16.06 -21.89 15.44
C GLY A 135 15.76 -21.03 14.23
N THR A 136 15.33 -19.79 14.44
CA THR A 136 15.00 -18.87 13.36
C THR A 136 15.94 -17.67 13.43
N ALA A 137 16.44 -17.27 12.26
CA ALA A 137 17.27 -16.07 12.13
C ALA A 137 16.52 -15.07 11.26
N ALA A 138 16.62 -13.80 11.62
CA ALA A 138 16.10 -12.71 10.80
C ALA A 138 17.26 -11.95 10.18
N LEU A 139 17.11 -11.62 8.91
CA LEU A 139 18.10 -10.83 8.19
C LEU A 139 17.35 -9.92 7.25
N GLY A 140 18.06 -8.99 6.63
CA GLY A 140 17.37 -8.10 5.74
C GLY A 140 18.31 -7.15 5.05
N CYS A 141 17.71 -6.15 4.41
CA CYS A 141 18.44 -5.09 3.74
CA CYS A 141 18.49 -5.07 3.84
C CYS A 141 17.76 -3.75 4.05
N LEU A 142 18.57 -2.75 4.33
CA LEU A 142 18.10 -1.39 4.56
C LEU A 142 18.37 -0.59 3.29
N VAL A 143 17.33 0.01 2.73
CA VAL A 143 17.40 0.71 1.46
C VAL A 143 17.20 2.19 1.77
N LYS A 144 18.31 2.95 1.80
CA LYS A 144 18.29 4.28 2.39
C LYS A 144 18.46 5.38 1.35
N ASP A 145 17.70 6.46 1.55
CA ASP A 145 17.98 7.75 0.95
C ASP A 145 17.73 7.79 -0.56
N TYR A 146 16.50 7.51 -0.98
CA TYR A 146 16.15 7.54 -2.39
C TYR A 146 14.96 8.46 -2.62
N PHE A 147 14.80 8.86 -3.89
CA PHE A 147 13.68 9.69 -4.29
C PHE A 147 13.49 9.55 -5.79
N PRO A 148 12.25 9.48 -6.27
CA PRO A 148 11.00 9.38 -5.50
C PRO A 148 10.69 7.91 -5.25
N GLU A 149 9.49 7.61 -4.76
CA GLU A 149 9.04 6.23 -4.70
CA GLU A 149 9.04 6.23 -4.70
C GLU A 149 8.74 5.74 -6.12
N PRO A 150 8.72 4.41 -6.33
CA PRO A 150 8.92 3.32 -5.39
C PRO A 150 10.24 2.59 -5.57
N VAL A 151 10.56 1.80 -4.56
CA VAL A 151 11.60 0.76 -4.62
C VAL A 151 10.88 -0.58 -4.53
N THR A 152 11.34 -1.56 -5.29
CA THR A 152 10.89 -2.93 -5.12
C THR A 152 12.06 -3.78 -4.64
N VAL A 153 11.74 -4.78 -3.83
CA VAL A 153 12.73 -5.70 -3.29
C VAL A 153 12.26 -7.12 -3.55
N SER A 154 13.17 -7.97 -3.99
CA SER A 154 12.96 -9.41 -4.00
C SER A 154 14.15 -10.05 -3.30
N TRP A 155 14.03 -11.34 -3.01
CA TRP A 155 15.09 -12.10 -2.37
C TRP A 155 15.47 -13.28 -3.25
N ASN A 156 16.77 -13.46 -3.46
CA ASN A 156 17.29 -14.58 -4.25
C ASN A 156 16.61 -14.66 -5.61
N SER A 157 16.48 -13.49 -6.25
CA SER A 157 15.90 -13.33 -7.58
C SER A 157 14.47 -13.86 -7.66
N GLY A 158 13.74 -13.80 -6.55
CA GLY A 158 12.38 -14.28 -6.51
C GLY A 158 12.21 -15.71 -6.02
N ALA A 159 13.31 -16.45 -5.80
CA ALA A 159 13.19 -17.81 -5.29
C ALA A 159 12.84 -17.85 -3.81
N LEU A 160 13.03 -16.75 -3.09
CA LEU A 160 12.75 -16.71 -1.65
C LEU A 160 11.62 -15.71 -1.45
N THR A 161 10.44 -16.22 -1.12
CA THR A 161 9.27 -15.41 -0.82
C THR A 161 8.68 -15.69 0.55
N SER A 162 8.77 -16.92 1.04
CA SER A 162 8.22 -17.26 2.35
CA SER A 162 8.22 -17.26 2.35
C SER A 162 8.97 -16.51 3.44
N GLY A 163 8.20 -15.87 4.33
CA GLY A 163 8.78 -15.16 5.44
C GLY A 163 9.36 -13.80 5.13
N VAL A 164 9.17 -13.29 3.90
CA VAL A 164 9.66 -11.97 3.55
C VAL A 164 8.68 -10.92 4.03
N HIS A 165 9.19 -9.83 4.59
CA HIS A 165 8.40 -8.63 4.85
C HIS A 165 9.15 -7.42 4.30
N THR A 166 8.61 -6.82 3.25
CA THR A 166 9.15 -5.58 2.73
C THR A 166 8.25 -4.45 3.22
N PHE A 167 8.82 -3.59 4.04
CA PHE A 167 8.03 -2.60 4.74
C PHE A 167 7.71 -1.43 3.82
N PRO A 168 6.56 -0.80 4.02
CA PRO A 168 6.29 0.46 3.34
C PRO A 168 7.41 1.45 3.62
N ALA A 169 7.74 2.23 2.60
CA ALA A 169 8.77 3.24 2.78
C ALA A 169 8.29 4.32 3.75
N VAL A 170 9.26 4.97 4.39
CA VAL A 170 9.00 6.15 5.19
C VAL A 170 9.67 7.34 4.54
N LEU A 171 9.03 8.50 4.67
CA LEU A 171 9.64 9.76 4.27
C LEU A 171 10.45 10.30 5.44
N GLN A 172 11.77 10.36 5.27
CA GLN A 172 12.63 10.86 6.33
C GLN A 172 12.55 12.37 6.40
N SER A 173 13.06 12.91 7.50
CA SER A 173 13.06 14.36 7.68
C SER A 173 13.91 15.05 6.64
N SER A 174 14.84 14.33 6.00
CA SER A 174 15.66 14.85 4.94
C SER A 174 14.91 15.06 3.63
N GLY A 175 13.68 14.60 3.51
CA GLY A 175 12.98 14.57 2.24
C GLY A 175 13.24 13.35 1.37
N LEU A 176 14.10 12.44 1.81
CA LEU A 176 14.38 11.22 1.07
C LEU A 176 13.66 10.04 1.73
N TYR A 177 13.32 9.03 0.93
CA TYR A 177 12.67 7.84 1.42
C TYR A 177 13.68 6.80 1.89
N SER A 178 13.20 5.91 2.76
CA SER A 178 13.94 4.74 3.22
CA SER A 178 13.93 4.73 3.18
C SER A 178 12.95 3.60 3.44
N LEU A 179 13.39 2.38 3.18
CA LEU A 179 12.61 1.23 3.59
C LEU A 179 13.57 0.13 3.97
N SER A 180 13.03 -0.90 4.62
CA SER A 180 13.78 -2.11 4.88
CA SER A 180 13.78 -2.11 4.85
C SER A 180 12.96 -3.30 4.39
N SER A 181 13.66 -4.37 4.04
CA SER A 181 13.03 -5.63 3.71
C SER A 181 13.71 -6.69 4.55
N VAL A 182 12.92 -7.52 5.23
CA VAL A 182 13.47 -8.55 6.11
C VAL A 182 12.93 -9.91 5.70
N VAL A 183 13.64 -10.95 6.13
CA VAL A 183 13.19 -12.32 5.93
C VAL A 183 13.65 -13.14 7.12
N THR A 184 12.82 -14.09 7.54
CA THR A 184 13.18 -15.05 8.57
C THR A 184 13.43 -16.40 7.91
N VAL A 185 14.50 -17.06 8.32
CA VAL A 185 14.97 -18.30 7.72
C VAL A 185 15.47 -19.21 8.82
N PRO A 186 15.61 -20.51 8.53
CA PRO A 186 16.22 -21.40 9.53
C PRO A 186 17.66 -20.98 9.81
N SER A 187 18.00 -20.88 11.10
CA SER A 187 19.37 -20.56 11.46
CA SER A 187 19.37 -20.57 11.48
C SER A 187 20.34 -21.58 10.88
N SER A 188 19.92 -22.84 10.76
CA SER A 188 20.78 -23.87 10.18
C SER A 188 21.14 -23.59 8.72
N SER A 189 20.43 -22.68 8.06
CA SER A 189 20.72 -22.37 6.67
C SER A 189 21.74 -21.26 6.49
N LEU A 190 22.14 -20.59 7.57
CA LEU A 190 22.99 -19.41 7.42
C LEU A 190 24.35 -19.76 6.83
N GLY A 191 24.84 -20.97 7.08
CA GLY A 191 26.13 -21.36 6.57
C GLY A 191 26.13 -21.97 5.19
N THR A 192 24.96 -22.36 4.69
CA THR A 192 24.85 -23.12 3.44
C THR A 192 24.09 -22.42 2.33
N GLN A 193 23.32 -21.38 2.62
CA GLN A 193 22.44 -20.73 1.66
C GLN A 193 22.83 -19.27 1.52
N THR A 194 23.10 -18.84 0.28
CA THR A 194 23.37 -17.44 -0.01
C THR A 194 22.06 -16.66 -0.01
N TYR A 195 22.02 -15.55 0.72
CA TYR A 195 20.86 -14.68 0.75
C TYR A 195 21.22 -13.34 0.13
N ILE A 196 20.51 -12.98 -0.93
CA ILE A 196 20.74 -11.74 -1.66
C ILE A 196 19.42 -10.99 -1.75
N CYS A 197 19.43 -9.71 -1.39
CA CYS A 197 18.29 -8.86 -1.65
CA CYS A 197 18.28 -8.87 -1.66
C CYS A 197 18.50 -8.13 -2.97
N ASN A 198 17.50 -8.17 -3.84
CA ASN A 198 17.55 -7.52 -5.14
C ASN A 198 16.73 -6.25 -5.03
N VAL A 199 17.40 -5.09 -5.09
CA VAL A 199 16.76 -3.80 -4.89
C VAL A 199 16.68 -3.11 -6.24
N ASN A 200 15.48 -2.65 -6.60
CA ASN A 200 15.25 -1.96 -7.85
C ASN A 200 14.64 -0.59 -7.57
N HIS A 201 15.33 0.46 -8.00
CA HIS A 201 14.79 1.82 -7.93
C HIS A 201 14.72 2.34 -9.37
N LYS A 202 13.60 2.05 -10.05
CA LYS A 202 13.45 2.42 -11.45
C LYS A 202 13.67 3.90 -11.76
N PRO A 203 13.18 4.86 -10.94
CA PRO A 203 13.38 6.28 -11.30
C PRO A 203 14.83 6.68 -11.51
N SER A 204 15.77 6.04 -10.82
CA SER A 204 17.18 6.33 -10.97
C SER A 204 17.91 5.24 -11.72
N ASN A 205 17.19 4.25 -12.25
CA ASN A 205 17.78 3.10 -12.94
C ASN A 205 18.82 2.38 -12.08
N THR A 206 18.55 2.31 -10.78
CA THR A 206 19.46 1.71 -9.81
C THR A 206 19.03 0.28 -9.54
N LYS A 207 19.97 -0.66 -9.71
CA LYS A 207 19.77 -2.05 -9.34
C LYS A 207 20.94 -2.43 -8.43
N VAL A 208 20.64 -2.95 -7.26
CA VAL A 208 21.65 -3.45 -6.33
C VAL A 208 21.25 -4.87 -5.92
N ASP A 209 22.18 -5.80 -6.01
CA ASP A 209 21.99 -7.15 -5.50
C ASP A 209 22.97 -7.35 -4.36
N LYS A 210 22.50 -7.19 -3.13
CA LYS A 210 23.37 -7.15 -1.95
C LYS A 210 23.33 -8.51 -1.24
N LYS A 211 24.48 -9.16 -1.12
CA LYS A 211 24.58 -10.37 -0.32
CA LYS A 211 24.57 -10.38 -0.32
C LYS A 211 24.62 -10.02 1.16
N VAL A 212 23.82 -10.72 1.95
CA VAL A 212 23.69 -10.48 3.39
C VAL A 212 24.34 -11.68 4.08
N GLU A 213 25.56 -11.47 4.60
CA GLU A 213 26.41 -12.46 5.24
C GLU A 213 26.17 -12.47 6.74
N PRO A 214 26.19 -13.63 7.39
CA PRO A 214 26.23 -13.66 8.85
C PRO A 214 27.50 -13.00 9.37
N LYS A 215 27.43 -12.46 10.57
CA LYS A 215 28.54 -11.66 11.10
C LYS A 215 29.35 -12.41 12.16
N ASP B 1 -24.28 17.27 -5.36
CA ASP B 1 -23.91 15.88 -5.66
C ASP B 1 -24.60 14.95 -4.67
N ILE B 2 -24.47 13.64 -4.90
CA ILE B 2 -24.96 12.64 -3.96
C ILE B 2 -23.79 12.23 -3.08
N VAL B 3 -23.97 12.35 -1.77
CA VAL B 3 -22.93 12.07 -0.79
C VAL B 3 -23.08 10.63 -0.33
N MET B 4 -21.99 9.86 -0.42
CA MET B 4 -21.95 8.49 0.09
C MET B 4 -21.19 8.46 1.40
N THR B 5 -21.78 7.86 2.43
CA THR B 5 -21.21 7.79 3.77
C THR B 5 -21.00 6.33 4.18
N GLN B 6 -19.81 5.99 4.65
CA GLN B 6 -19.55 4.69 5.28
C GLN B 6 -19.23 4.94 6.74
N ALA B 7 -20.13 4.52 7.62
CA ALA B 7 -20.09 4.97 9.02
C ALA B 7 -18.97 4.31 9.80
N ALA B 8 -18.54 3.12 9.40
CA ALA B 8 -17.44 2.45 10.11
C ALA B 8 -16.18 2.44 9.25
N PRO B 9 -15.05 2.90 9.77
CA PRO B 9 -13.81 2.83 9.00
C PRO B 9 -13.21 1.43 8.95
N SER B 10 -13.61 0.54 9.84
CA SER B 10 -13.17 -0.84 9.80
C SER B 10 -14.21 -1.68 10.51
N VAL B 11 -14.27 -2.96 10.14
CA VAL B 11 -15.07 -3.92 10.89
CA VAL B 11 -15.08 -3.94 10.84
C VAL B 11 -14.22 -5.17 11.13
N PRO B 12 -14.22 -5.70 12.36
CA PRO B 12 -13.44 -6.90 12.65
C PRO B 12 -14.28 -8.16 12.52
N VAL B 13 -13.65 -9.26 12.14
CA VAL B 13 -14.41 -10.49 11.93
C VAL B 13 -13.45 -11.66 12.05
N THR B 14 -13.91 -12.71 12.72
CA THR B 14 -13.15 -13.96 12.80
C THR B 14 -13.47 -14.82 11.57
N PRO B 15 -12.46 -15.41 10.93
CA PRO B 15 -12.73 -16.25 9.76
C PRO B 15 -13.79 -17.31 10.06
N GLY B 16 -14.66 -17.52 9.08
CA GLY B 16 -15.80 -18.42 9.24
C GLY B 16 -17.08 -17.73 9.65
N GLU B 17 -16.99 -16.57 10.29
CA GLU B 17 -18.15 -15.78 10.66
C GLU B 17 -18.57 -14.91 9.49
N SER B 18 -19.70 -14.25 9.66
CA SER B 18 -20.19 -13.31 8.66
C SER B 18 -20.02 -11.90 9.20
N VAL B 19 -19.98 -10.93 8.29
CA VAL B 19 -19.80 -9.54 8.67
C VAL B 19 -20.59 -8.66 7.71
N SER B 20 -21.07 -7.53 8.22
CA SER B 20 -21.81 -6.56 7.45
C SER B 20 -21.03 -5.25 7.37
N ILE B 21 -20.96 -4.68 6.16
CA ILE B 21 -20.40 -3.35 5.93
C ILE B 21 -21.53 -2.44 5.43
N SER B 22 -21.66 -1.27 6.07
CA SER B 22 -22.77 -0.35 5.83
CA SER B 22 -22.77 -0.36 5.82
C SER B 22 -22.34 0.84 4.97
N CYS B 23 -23.30 1.36 4.22
CA CYS B 23 -23.14 2.58 3.43
C CYS B 23 -24.49 3.29 3.42
N ARG B 24 -24.46 4.62 3.29
CA ARG B 24 -25.68 5.40 3.15
C ARG B 24 -25.48 6.45 2.04
N SER B 25 -26.58 6.89 1.44
CA SER B 25 -26.55 7.92 0.42
C SER B 25 -27.45 9.08 0.83
N SER B 26 -27.12 10.27 0.31
CA SER B 26 -27.88 11.48 0.62
C SER B 26 -29.08 11.68 -0.30
N LYS B 27 -29.27 10.79 -1.26
CA LYS B 27 -30.44 10.75 -2.13
C LYS B 27 -30.68 9.29 -2.43
N SER B 28 -31.95 8.93 -2.62
CA SER B 28 -32.24 7.57 -3.04
C SER B 28 -31.51 7.26 -4.34
N LEU B 29 -30.90 6.08 -4.41
CA LEU B 29 -30.24 5.66 -5.64
C LEU B 29 -31.16 4.88 -6.57
N LEU B 30 -32.46 4.90 -6.28
CA LEU B 30 -33.44 4.22 -7.12
C LEU B 30 -33.66 4.97 -8.43
N HIS B 31 -33.72 4.22 -9.52
CA HIS B 31 -33.97 4.75 -10.85
C HIS B 31 -35.36 4.28 -11.29
N SER B 32 -35.97 5.02 -12.23
CA SER B 32 -37.28 4.61 -12.72
C SER B 32 -37.26 3.24 -13.40
N ASN B 33 -36.09 2.78 -13.85
CA ASN B 33 -36.00 1.43 -14.40
C ASN B 33 -36.05 0.34 -13.32
N GLY B 34 -36.18 0.71 -12.05
CA GLY B 34 -36.35 -0.24 -10.99
C GLY B 34 -35.07 -0.62 -10.26
N ASN B 35 -33.91 -0.31 -10.82
CA ASN B 35 -32.63 -0.65 -10.22
C ASN B 35 -32.17 0.47 -9.28
N THR B 36 -31.50 0.06 -8.22
CA THR B 36 -30.86 0.98 -7.28
C THR B 36 -29.37 0.97 -7.60
N TYR B 37 -28.84 2.13 -7.98
CA TYR B 37 -27.50 2.20 -8.59
C TYR B 37 -26.41 2.36 -7.54
N LEU B 38 -26.32 1.34 -6.67
CA LEU B 38 -25.31 1.25 -5.63
C LEU B 38 -24.37 0.11 -5.99
N PHE B 39 -23.07 0.38 -5.94
CA PHE B 39 -22.08 -0.61 -6.32
C PHE B 39 -21.11 -0.82 -5.17
N TRP B 40 -20.65 -2.05 -4.97
CA TRP B 40 -19.64 -2.34 -3.96
C TRP B 40 -18.37 -2.81 -4.63
N PHE B 41 -17.23 -2.31 -4.13
CA PHE B 41 -15.91 -2.64 -4.64
C PHE B 41 -15.00 -3.11 -3.50
N LEU B 42 -14.07 -3.99 -3.84
CA LEU B 42 -12.98 -4.39 -2.97
C LEU B 42 -11.69 -3.85 -3.55
N GLN B 43 -10.80 -3.33 -2.72
CA GLN B 43 -9.44 -3.05 -3.15
C GLN B 43 -8.46 -3.70 -2.19
N ARG B 44 -7.63 -4.55 -2.74
CA ARG B 44 -6.54 -5.13 -1.95
CA ARG B 44 -6.54 -5.15 -1.99
C ARG B 44 -5.29 -4.27 -2.09
N PRO B 45 -4.39 -4.31 -1.11
CA PRO B 45 -3.20 -3.47 -1.17
C PRO B 45 -2.43 -3.67 -2.47
N GLY B 46 -2.06 -2.56 -3.10
CA GLY B 46 -1.27 -2.62 -4.31
C GLY B 46 -1.99 -3.05 -5.55
N GLN B 47 -3.31 -3.23 -5.50
CA GLN B 47 -4.08 -3.68 -6.65
C GLN B 47 -5.12 -2.64 -7.04
N SER B 48 -5.66 -2.81 -8.24
CA SER B 48 -6.79 -1.98 -8.65
C SER B 48 -8.06 -2.46 -7.94
N PRO B 49 -9.03 -1.58 -7.74
CA PRO B 49 -10.31 -2.01 -7.20
C PRO B 49 -10.94 -3.06 -8.10
N GLN B 50 -11.86 -3.83 -7.51
CA GLN B 50 -12.60 -4.83 -8.27
C GLN B 50 -14.05 -4.82 -7.79
N VAL B 51 -14.99 -4.95 -8.74
CA VAL B 51 -16.41 -4.87 -8.40
C VAL B 51 -16.86 -6.17 -7.75
N LEU B 52 -17.71 -6.05 -6.73
CA LEU B 52 -18.32 -7.19 -6.07
C LEU B 52 -19.81 -7.28 -6.36
N ILE B 53 -20.52 -6.17 -6.20
CA ILE B 53 -21.97 -6.12 -6.30
C ILE B 53 -22.32 -4.96 -7.23
N TYR B 54 -23.24 -5.22 -8.17
CA TYR B 54 -23.70 -4.17 -9.06
C TYR B 54 -25.20 -3.97 -8.85
N ARG B 55 -25.63 -2.72 -9.01
CA ARG B 55 -27.03 -2.36 -8.82
C ARG B 55 -27.60 -2.94 -7.53
N MET B 56 -26.89 -2.69 -6.44
CA MET B 56 -27.30 -2.90 -5.05
C MET B 56 -27.28 -4.35 -4.57
N SER B 57 -27.83 -5.27 -5.37
CA SER B 57 -28.07 -6.61 -4.87
C SER B 57 -27.67 -7.71 -5.85
N ASN B 58 -26.98 -7.38 -6.93
CA ASN B 58 -26.63 -8.37 -7.94
C ASN B 58 -25.16 -8.74 -7.83
N LEU B 59 -24.87 -10.04 -7.83
CA LEU B 59 -23.51 -10.52 -7.67
C LEU B 59 -22.79 -10.41 -9.00
N ALA B 60 -21.64 -9.71 -9.00
CA ALA B 60 -20.91 -9.53 -10.24
C ALA B 60 -20.28 -10.84 -10.68
N SER B 61 -20.06 -10.96 -11.98
CA SER B 61 -19.59 -12.20 -12.60
CA SER B 61 -19.61 -12.20 -12.57
C SER B 61 -18.28 -12.65 -11.97
N GLY B 62 -18.24 -13.90 -11.51
CA GLY B 62 -17.03 -14.46 -10.93
C GLY B 62 -16.80 -14.17 -9.45
N VAL B 63 -17.56 -13.27 -8.86
CA VAL B 63 -17.40 -12.99 -7.43
C VAL B 63 -18.00 -14.13 -6.62
N PRO B 64 -17.37 -14.57 -5.53
CA PRO B 64 -17.93 -15.67 -4.73
C PRO B 64 -19.32 -15.34 -4.21
N ASP B 65 -20.21 -16.33 -4.21
CA ASP B 65 -21.58 -16.04 -3.80
C ASP B 65 -21.76 -15.86 -2.29
N ARG B 66 -20.69 -15.96 -1.49
CA ARG B 66 -20.78 -15.55 -0.09
C ARG B 66 -20.80 -14.04 0.08
N PHE B 67 -20.59 -13.28 -1.00
CA PHE B 67 -20.84 -11.83 -0.99
C PHE B 67 -22.27 -11.56 -1.44
N SER B 68 -22.95 -10.69 -0.70
CA SER B 68 -24.31 -10.30 -1.08
C SER B 68 -24.55 -8.85 -0.71
N GLY B 69 -25.46 -8.22 -1.44
CA GLY B 69 -25.79 -6.84 -1.19
C GLY B 69 -27.29 -6.69 -1.02
N SER B 70 -27.66 -5.75 -0.14
CA SER B 70 -29.06 -5.44 0.05
C SER B 70 -29.16 -3.97 0.43
N GLY B 71 -30.37 -3.46 0.49
CA GLY B 71 -30.52 -2.10 0.98
C GLY B 71 -31.88 -1.55 0.69
N SER B 72 -32.11 -0.37 1.24
CA SER B 72 -33.25 0.46 0.90
C SER B 72 -32.78 1.32 -0.29
N GLY B 73 -33.45 2.41 -0.58
CA GLY B 73 -32.76 3.19 -1.59
C GLY B 73 -31.68 4.11 -1.06
N THR B 74 -31.50 4.16 0.26
CA THR B 74 -30.60 5.13 0.89
C THR B 74 -29.69 4.54 1.94
N ALA B 75 -29.84 3.27 2.31
CA ALA B 75 -28.97 2.59 3.26
C ALA B 75 -28.72 1.19 2.72
N PHE B 76 -27.46 0.77 2.72
CA PHE B 76 -27.04 -0.42 2.01
C PHE B 76 -26.12 -1.24 2.88
N THR B 77 -26.13 -2.55 2.65
CA THR B 77 -25.28 -3.46 3.40
C THR B 77 -24.62 -4.44 2.44
N LEU B 78 -23.28 -4.51 2.51
CA LEU B 78 -22.55 -5.62 1.91
C LEU B 78 -22.38 -6.66 3.01
N ARG B 79 -22.90 -7.86 2.77
CA ARG B 79 -22.78 -8.96 3.72
C ARG B 79 -21.78 -9.95 3.16
N ILE B 80 -20.71 -10.18 3.90
CA ILE B 80 -19.71 -11.17 3.54
C ILE B 80 -19.90 -12.35 4.47
N SER B 81 -20.39 -13.47 3.92
CA SER B 81 -20.54 -14.68 4.72
C SER B 81 -19.26 -15.50 4.66
N ARG B 82 -19.07 -16.32 5.68
CA ARG B 82 -17.98 -17.30 5.69
C ARG B 82 -16.65 -16.64 5.34
N VAL B 83 -16.33 -15.58 6.10
CA VAL B 83 -15.16 -14.76 5.84
C VAL B 83 -13.90 -15.61 5.88
N GLU B 84 -12.98 -15.32 4.97
CA GLU B 84 -11.67 -15.97 4.91
C GLU B 84 -10.60 -14.95 5.26
N ALA B 85 -9.45 -15.45 5.72
CA ALA B 85 -8.34 -14.56 6.03
C ALA B 85 -7.97 -13.69 4.85
N GLU B 86 -8.12 -14.22 3.63
CA GLU B 86 -7.78 -13.50 2.41
C GLU B 86 -8.75 -12.38 2.09
N ASP B 87 -9.83 -12.24 2.86
CA ASP B 87 -10.78 -11.15 2.64
C ASP B 87 -10.29 -9.80 3.18
N VAL B 88 -9.12 -9.76 3.81
CA VAL B 88 -8.55 -8.46 4.20
C VAL B 88 -8.50 -7.53 3.00
N GLY B 89 -8.86 -6.28 3.23
CA GLY B 89 -8.86 -5.28 2.19
C GLY B 89 -9.76 -4.14 2.61
N VAL B 90 -9.97 -3.22 1.68
CA VAL B 90 -10.84 -2.06 1.89
C VAL B 90 -12.02 -2.21 0.96
N TYR B 91 -13.22 -1.99 1.48
CA TYR B 91 -14.47 -2.13 0.75
C TYR B 91 -15.13 -0.76 0.61
N TYR B 92 -15.41 -0.37 -0.63
CA TYR B 92 -16.00 0.92 -0.94
C TYR B 92 -17.38 0.75 -1.55
N CYS B 93 -18.30 1.60 -1.16
CA CYS B 93 -19.52 1.75 -1.95
C CYS B 93 -19.36 2.90 -2.94
N MET B 94 -20.21 2.90 -3.97
CA MET B 94 -20.17 3.93 -4.99
C MET B 94 -21.57 4.06 -5.59
N GLN B 95 -22.01 5.28 -5.86
CA GLN B 95 -23.26 5.47 -6.58
C GLN B 95 -23.00 5.78 -8.05
N HIS B 96 -23.80 5.16 -8.93
CA HIS B 96 -23.75 5.40 -10.37
C HIS B 96 -25.05 5.97 -10.88
N LEU B 97 -25.84 6.59 -10.02
CA LEU B 97 -27.12 7.11 -10.47
C LEU B 97 -26.95 8.43 -11.22
N GLU B 98 -26.18 9.36 -10.66
CA GLU B 98 -26.08 10.70 -11.21
C GLU B 98 -24.63 11.15 -11.26
N TYR B 99 -24.30 11.93 -12.30
CA TYR B 99 -22.98 12.56 -12.27
C TYR B 99 -22.97 13.73 -11.30
N PRO B 100 -21.85 13.96 -10.59
CA PRO B 100 -20.63 13.15 -10.64
C PRO B 100 -20.80 11.88 -9.84
N TYR B 101 -20.28 10.76 -10.31
CA TYR B 101 -20.30 9.56 -9.46
C TYR B 101 -19.45 9.79 -8.22
N THR B 102 -19.84 9.15 -7.13
CA THR B 102 -19.20 9.42 -5.84
C THR B 102 -19.02 8.12 -5.09
N PHE B 103 -17.93 8.07 -4.30
CA PHE B 103 -17.52 6.91 -3.52
C PHE B 103 -17.71 7.19 -2.04
N GLY B 104 -18.02 6.14 -1.29
CA GLY B 104 -17.86 6.18 0.15
C GLY B 104 -16.38 6.20 0.53
N SER B 105 -16.13 6.49 1.80
CA SER B 105 -14.77 6.65 2.30
C SER B 105 -14.03 5.34 2.55
N GLY B 106 -14.71 4.19 2.46
CA GLY B 106 -14.04 2.92 2.60
C GLY B 106 -14.15 2.33 4.00
N THR B 107 -14.24 1.01 4.06
CA THR B 107 -14.28 0.28 5.32
C THR B 107 -13.29 -0.86 5.22
N ARG B 108 -12.27 -0.85 6.09
CA ARG B 108 -11.35 -1.98 6.14
C ARG B 108 -12.02 -3.18 6.77
N LEU B 109 -11.63 -4.36 6.30
CA LEU B 109 -11.99 -5.61 6.97
C LEU B 109 -10.76 -6.07 7.73
N GLU B 110 -10.86 -6.10 9.07
CA GLU B 110 -9.78 -6.55 9.94
CA GLU B 110 -9.79 -6.55 9.95
C GLU B 110 -10.06 -7.99 10.36
N ILE B 111 -9.14 -8.89 10.05
CA ILE B 111 -9.32 -10.29 10.42
C ILE B 111 -8.87 -10.49 11.86
N LYS B 112 -9.76 -11.04 12.69
CA LYS B 112 -9.41 -11.35 14.06
C LYS B 112 -8.72 -12.70 14.12
N ARG B 113 -7.67 -12.77 14.93
CA ARG B 113 -6.97 -14.03 15.16
C ARG B 113 -6.53 -14.07 16.60
N THR B 114 -5.90 -15.18 16.99
CA THR B 114 -5.37 -15.27 18.34
C THR B 114 -4.31 -14.21 18.54
N VAL B 115 -4.34 -13.56 19.71
CA VAL B 115 -3.32 -12.57 20.04
C VAL B 115 -1.96 -13.23 20.00
N ALA B 116 -1.00 -12.54 19.39
CA ALA B 116 0.36 -13.07 19.27
C ALA B 116 1.32 -11.94 19.55
N ALA B 117 2.17 -12.12 20.54
CA ALA B 117 3.20 -11.13 20.80
C ALA B 117 4.25 -11.17 19.70
N PRO B 118 4.92 -10.04 19.43
CA PRO B 118 5.94 -10.03 18.39
C PRO B 118 7.18 -10.80 18.82
N SER B 119 7.82 -11.42 17.83
CA SER B 119 9.22 -11.82 17.97
C SER B 119 10.08 -10.60 17.64
N VAL B 120 10.99 -10.25 18.54
CA VAL B 120 11.73 -8.99 18.43
C VAL B 120 13.19 -9.26 18.11
N PHE B 121 13.72 -8.52 17.15
CA PHE B 121 15.10 -8.64 16.72
C PHE B 121 15.69 -7.24 16.62
N ILE B 122 16.99 -7.12 16.89
CA ILE B 122 17.66 -5.83 16.81
C ILE B 122 18.89 -5.94 15.94
N PHE B 123 19.11 -4.94 15.10
CA PHE B 123 20.22 -4.92 14.15
C PHE B 123 21.08 -3.69 14.37
N PRO B 124 22.36 -3.85 14.68
CA PRO B 124 23.27 -2.71 14.69
C PRO B 124 23.45 -2.15 13.29
N PRO B 125 23.93 -0.91 13.18
CA PRO B 125 24.32 -0.39 11.87
C PRO B 125 25.41 -1.26 11.25
N SER B 126 25.34 -1.41 9.93
CA SER B 126 26.41 -2.12 9.24
C SER B 126 27.69 -1.28 9.25
N ASP B 127 28.85 -1.95 9.19
CA ASP B 127 30.09 -1.20 9.06
C ASP B 127 30.13 -0.43 7.75
N GLU B 128 29.50 -0.98 6.70
CA GLU B 128 29.41 -0.29 5.42
C GLU B 128 28.69 1.05 5.57
N GLN B 129 27.57 1.07 6.27
CA GLN B 129 26.87 2.34 6.48
C GLN B 129 27.70 3.28 7.34
N LEU B 130 28.34 2.75 8.39
CA LEU B 130 29.14 3.60 9.27
C LEU B 130 30.22 4.34 8.50
N LYS B 131 30.77 3.74 7.43
CA LYS B 131 31.79 4.42 6.63
C LYS B 131 31.27 5.71 6.03
N SER B 132 29.95 5.83 5.83
CA SER B 132 29.38 7.00 5.19
C SER B 132 28.92 8.08 6.17
N GLY B 133 29.09 7.88 7.48
CA GLY B 133 28.85 8.92 8.45
C GLY B 133 27.53 8.86 9.18
N THR B 134 26.67 7.89 8.87
CA THR B 134 25.37 7.76 9.51
C THR B 134 25.22 6.34 10.05
N ALA B 135 24.43 6.21 11.12
CA ALA B 135 24.13 4.93 11.71
C ALA B 135 22.62 4.77 11.80
N SER B 136 22.12 3.65 11.31
CA SER B 136 20.71 3.31 11.46
C SER B 136 20.66 2.03 12.30
N VAL B 137 19.91 2.06 13.39
CA VAL B 137 19.69 0.91 14.24
C VAL B 137 18.26 0.46 13.99
N VAL B 138 18.06 -0.82 13.73
CA VAL B 138 16.74 -1.31 13.31
C VAL B 138 16.22 -2.32 14.33
N CYS B 139 14.98 -2.10 14.78
CA CYS B 139 14.27 -3.03 15.64
C CYS B 139 13.11 -3.61 14.83
N LEU B 140 13.08 -4.94 14.69
CA LEU B 140 12.03 -5.65 13.96
C LEU B 140 11.11 -6.32 14.98
N LEU B 141 9.81 -6.05 14.84
CA LEU B 141 8.77 -6.75 15.58
C LEU B 141 8.02 -7.60 14.57
N ASN B 142 8.11 -8.91 14.69
CA ASN B 142 7.67 -9.77 13.61
C ASN B 142 6.42 -10.57 13.98
N ASN B 143 5.43 -10.51 13.10
CA ASN B 143 4.31 -11.47 13.06
C ASN B 143 3.47 -11.42 14.34
N PHE B 144 2.90 -10.26 14.60
CA PHE B 144 2.15 -10.07 15.83
C PHE B 144 0.71 -9.67 15.53
N TYR B 145 -0.13 -9.74 16.58
CA TYR B 145 -1.53 -9.34 16.47
C TYR B 145 -2.02 -9.03 17.88
N PRO B 146 -2.75 -7.93 18.10
CA PRO B 146 -3.21 -6.94 17.12
C PRO B 146 -2.13 -5.95 16.68
N ARG B 147 -2.58 -5.00 15.87
CA ARG B 147 -1.69 -4.06 15.19
C ARG B 147 -0.96 -3.15 16.17
N GLU B 148 -1.61 -2.78 17.28
CA GLU B 148 -1.05 -1.79 18.21
C GLU B 148 0.20 -2.34 18.90
N ALA B 149 1.32 -1.65 18.76
CA ALA B 149 2.58 -2.05 19.35
C ALA B 149 3.42 -0.80 19.52
N LYS B 150 3.93 -0.57 20.71
CA LYS B 150 4.72 0.62 20.99
C LYS B 150 6.19 0.24 21.15
N VAL B 151 7.07 1.04 20.55
CA VAL B 151 8.51 0.85 20.63
C VAL B 151 9.12 2.08 21.28
N GLN B 152 9.92 1.86 22.31
CA GLN B 152 10.70 2.91 22.94
C GLN B 152 12.17 2.52 22.81
N TRP B 153 12.99 3.47 22.40
CA TRP B 153 14.43 3.26 22.30
C TRP B 153 15.13 3.81 23.52
N LYS B 154 16.14 3.08 24.00
CA LYS B 154 17.01 3.58 25.04
C LYS B 154 18.45 3.42 24.59
N VAL B 155 19.24 4.49 24.73
CA VAL B 155 20.66 4.47 24.44
C VAL B 155 21.35 4.80 25.76
N ASP B 156 22.17 3.87 26.24
CA ASP B 156 22.80 4.01 27.56
C ASP B 156 21.76 4.32 28.63
N ASN B 157 20.63 3.62 28.56
CA ASN B 157 19.53 3.70 29.51
C ASN B 157 18.79 5.03 29.50
N ALA B 158 19.02 5.86 28.50
CA ALA B 158 18.34 7.14 28.35
C ALA B 158 17.27 6.98 27.29
N LEU B 159 16.02 7.27 27.67
CA LEU B 159 14.91 7.14 26.73
C LEU B 159 15.08 8.14 25.59
N GLN B 160 14.95 7.64 24.37
CA GLN B 160 15.08 8.49 23.20
C GLN B 160 13.76 9.13 22.82
N SER B 161 13.85 10.32 22.22
CA SER B 161 12.69 11.02 21.70
C SER B 161 13.12 11.72 20.42
N GLY B 162 12.30 11.64 19.39
CA GLY B 162 12.50 12.44 18.21
C GLY B 162 13.31 11.83 17.09
N ASN B 163 13.96 10.67 17.31
CA ASN B 163 14.92 10.14 16.35
C ASN B 163 14.59 8.75 15.85
N SER B 164 13.33 8.32 15.95
CA SER B 164 12.93 7.04 15.40
C SER B 164 11.78 7.23 14.41
N GLN B 165 11.60 6.22 13.56
CA GLN B 165 10.55 6.22 12.56
C GLN B 165 10.12 4.78 12.37
N GLU B 166 8.81 4.55 12.31
CA GLU B 166 8.27 3.20 12.25
C GLU B 166 7.48 2.97 10.96
N SER B 167 7.50 1.72 10.51
CA SER B 167 6.72 1.28 9.37
C SER B 167 6.04 -0.03 9.74
N VAL B 168 4.80 -0.20 9.30
CA VAL B 168 3.98 -1.37 9.62
CA VAL B 168 4.04 -1.40 9.61
C VAL B 168 3.50 -2.00 8.31
N THR B 169 3.55 -3.33 8.24
CA THR B 169 3.05 -4.01 7.05
C THR B 169 1.52 -4.10 7.08
N GLU B 170 0.96 -4.36 5.91
CA GLU B 170 -0.45 -4.70 5.82
C GLU B 170 -0.69 -6.03 6.51
N GLN B 171 -1.88 -6.19 7.07
CA GLN B 171 -2.24 -7.46 7.70
C GLN B 171 -2.06 -8.61 6.71
N ASP B 172 -1.34 -9.64 7.13
CA ASP B 172 -1.00 -10.73 6.22
C ASP B 172 -2.26 -11.48 5.78
N SER B 173 -2.35 -11.78 4.49
CA SER B 173 -3.55 -12.37 3.93
C SER B 173 -3.73 -13.84 4.30
N LYS B 174 -2.67 -14.49 4.78
CA LYS B 174 -2.74 -15.89 5.19
C LYS B 174 -2.79 -16.07 6.71
N ASP B 175 -1.88 -15.42 7.45
CA ASP B 175 -1.79 -15.63 8.89
C ASP B 175 -2.35 -14.48 9.72
N SER B 176 -2.76 -13.39 9.08
CA SER B 176 -3.50 -12.30 9.72
C SER B 176 -2.66 -11.52 10.74
N THR B 177 -1.34 -11.59 10.66
CA THR B 177 -0.47 -10.84 11.55
C THR B 177 0.05 -9.58 10.87
N TYR B 178 0.72 -8.75 11.67
CA TYR B 178 1.42 -7.57 11.23
C TYR B 178 2.89 -7.72 11.59
N SER B 179 3.73 -6.98 10.89
CA SER B 179 5.11 -6.77 11.31
C SER B 179 5.40 -5.28 11.33
N LEU B 180 6.38 -4.90 12.14
CA LEU B 180 6.70 -3.49 12.32
C LEU B 180 8.22 -3.36 12.39
N SER B 181 8.74 -2.30 11.78
CA SER B 181 10.14 -1.95 11.96
C SER B 181 10.21 -0.56 12.59
N SER B 182 11.15 -0.39 13.51
CA SER B 182 11.47 0.93 14.05
C SER B 182 12.93 1.20 13.77
N THR B 183 13.24 2.36 13.21
CA THR B 183 14.61 2.69 12.84
C THR B 183 15.03 3.90 13.63
N LEU B 184 16.10 3.76 14.40
CA LEU B 184 16.70 4.83 15.15
C LEU B 184 17.86 5.38 14.32
N THR B 185 17.86 6.69 14.07
CA THR B 185 18.89 7.29 13.23
C THR B 185 19.73 8.24 14.07
N LEU B 186 21.05 8.02 14.05
CA LEU B 186 22.00 8.88 14.74
C LEU B 186 23.24 9.02 13.88
N SER B 187 24.10 9.99 14.24
CA SER B 187 25.34 10.16 13.50
C SER B 187 26.28 9.00 13.83
N LYS B 188 27.23 8.77 12.92
CA LYS B 188 28.30 7.82 13.23
C LYS B 188 29.01 8.21 14.53
N ALA B 189 29.30 9.50 14.69
CA ALA B 189 30.03 9.94 15.88
C ALA B 189 29.25 9.66 17.15
N ASP B 190 27.94 9.90 17.14
CA ASP B 190 27.14 9.62 18.33
C ASP B 190 27.00 8.12 18.57
N TYR B 191 26.84 7.34 17.49
CA TYR B 191 26.80 5.90 17.65
C TYR B 191 28.04 5.39 18.37
N GLU B 192 29.21 5.92 18.02
CA GLU B 192 30.46 5.44 18.60
C GLU B 192 30.73 5.99 19.99
N LYS B 193 30.00 7.02 20.42
CA LYS B 193 30.14 7.56 21.77
C LYS B 193 29.31 6.81 22.80
N HIS B 194 28.33 6.02 22.37
CA HIS B 194 27.48 5.29 23.28
C HIS B 194 27.66 3.79 23.09
N LYS B 195 27.28 3.04 24.12
CA LYS B 195 27.60 1.61 24.15
C LYS B 195 26.38 0.71 24.08
N VAL B 196 25.30 1.03 24.78
CA VAL B 196 24.17 0.12 24.92
C VAL B 196 22.98 0.65 24.13
N TYR B 197 22.50 -0.15 23.17
CA TYR B 197 21.37 0.19 22.32
C TYR B 197 20.24 -0.78 22.59
N ALA B 198 19.08 -0.25 22.95
CA ALA B 198 18.00 -1.13 23.38
C ALA B 198 16.67 -0.68 22.79
N CYS B 199 15.88 -1.65 22.34
CA CYS B 199 14.51 -1.39 21.91
CA CYS B 199 14.53 -1.45 21.86
C CYS B 199 13.56 -2.14 22.82
N GLU B 200 12.58 -1.39 23.35
CA GLU B 200 11.64 -1.90 24.34
C GLU B 200 10.25 -1.91 23.72
N VAL B 201 9.61 -3.07 23.73
CA VAL B 201 8.37 -3.29 23.00
C VAL B 201 7.24 -3.55 23.98
N THR B 202 6.14 -2.83 23.82
CA THR B 202 4.90 -3.01 24.56
CA THR B 202 4.93 -3.10 24.56
C THR B 202 3.84 -3.56 23.60
N HIS B 203 3.10 -4.59 24.02
CA HIS B 203 2.09 -5.19 23.16
C HIS B 203 1.15 -6.00 24.04
N GLN B 204 -0.11 -6.09 23.60
CA GLN B 204 -1.13 -6.81 24.36
C GLN B 204 -0.69 -8.23 24.70
N GLY B 205 0.04 -8.88 23.80
CA GLY B 205 0.48 -10.24 24.04
C GLY B 205 1.53 -10.38 25.12
N LEU B 206 2.13 -9.28 25.57
CA LEU B 206 3.20 -9.29 26.55
C LEU B 206 2.67 -8.82 27.90
N SER B 207 3.04 -9.54 28.96
CA SER B 207 2.62 -9.14 30.29
C SER B 207 3.46 -7.97 30.82
N SER B 208 4.71 -7.85 30.38
CA SER B 208 5.54 -6.71 30.66
C SER B 208 6.35 -6.40 29.41
N PRO B 209 6.87 -5.17 29.27
CA PRO B 209 7.63 -4.82 28.07
C PRO B 209 8.83 -5.73 27.86
N VAL B 210 9.07 -6.08 26.59
CA VAL B 210 10.19 -6.91 26.18
C VAL B 210 11.30 -6.02 25.64
N THR B 211 12.54 -6.27 26.04
CA THR B 211 13.67 -5.51 25.56
C THR B 211 14.63 -6.41 24.79
N LYS B 212 15.11 -5.92 23.64
CA LYS B 212 16.23 -6.53 22.94
C LYS B 212 17.31 -5.46 22.83
N SER B 213 18.56 -5.87 23.02
CA SER B 213 19.64 -4.90 23.07
C SER B 213 20.91 -5.51 22.49
N PHE B 214 21.85 -4.63 22.15
CA PHE B 214 23.21 -5.05 21.85
C PHE B 214 24.15 -4.04 22.45
N ASN B 215 25.41 -4.46 22.60
CA ASN B 215 26.46 -3.61 23.11
C ASN B 215 27.44 -3.36 21.97
N ARG B 216 27.65 -2.09 21.64
CA ARG B 216 28.46 -1.75 20.48
C ARG B 216 29.88 -2.30 20.64
N GLY B 217 30.37 -2.97 19.59
CA GLY B 217 31.70 -3.56 19.59
C GLY B 217 31.74 -5.02 19.98
N GLU B 218 30.61 -5.61 20.35
CA GLU B 218 30.59 -6.97 20.83
C GLU B 218 29.74 -7.86 19.91
C1 EDO C . -16.38 2.44 -11.57
O1 EDO C . -17.60 2.77 -12.20
C2 EDO C . -15.29 3.26 -12.18
O2 EDO C . -15.53 4.63 -11.92
C1 EDO D . 28.03 -16.70 -2.87
O1 EDO D . 27.81 -17.13 -1.53
C2 EDO D . 29.47 -16.27 -3.00
O2 EDO D . 29.73 -15.23 -2.08
C1 EDO E . 13.87 2.02 7.13
O1 EDO E . 14.01 0.96 8.05
C2 EDO E . 13.07 3.14 7.76
O2 EDO E . 11.70 2.79 7.80
C1 EDO F . 5.37 -13.47 3.58
O1 EDO F . 5.65 -13.15 4.93
C2 EDO F . 4.69 -14.80 3.48
O2 EDO F . 5.54 -15.82 3.99
C1 EDO G . -28.90 4.62 -15.13
O1 EDO G . -29.18 5.53 -16.16
C2 EDO G . -28.21 5.34 -13.99
O2 EDO G . -26.98 5.86 -14.44
C1 EDO H . -13.67 -11.66 -3.70
O1 EDO H . -12.55 -12.07 -2.93
C2 EDO H . -13.21 -10.92 -4.92
O2 EDO H . -13.44 -11.70 -6.07
N1 EPE I . -26.38 9.59 -16.29
C2 EPE I . -27.69 9.05 -16.59
C3 EPE I . -27.60 7.99 -17.68
N4 EPE I . -26.68 6.92 -17.34
C5 EPE I . -25.38 7.41 -16.89
C6 EPE I . -25.46 8.55 -15.88
C7 EPE I . -26.55 5.94 -18.39
C8 EPE I . -25.76 4.68 -18.04
O8 EPE I . -24.48 4.74 -18.63
C9 EPE I . -26.45 10.63 -15.30
C10 EPE I . -27.18 11.86 -15.82
S EPE I . -27.30 13.14 -14.55
O1S EPE I . -28.20 12.57 -13.53
O2S EPE I . -27.87 14.34 -15.20
O3S EPE I . -25.92 13.36 -14.07
C1 EDO J . -31.83 -3.91 -7.50
O1 EDO J . -31.18 -2.76 -7.99
C2 EDO J . -32.49 -4.68 -8.63
O2 EDO J . -31.54 -5.09 -9.60
C1 EDO K . 17.48 14.31 19.87
O1 EDO K . 16.99 13.50 20.92
C2 EDO K . 17.24 13.63 18.55
O2 EDO K . 15.87 13.69 18.23
N1 A1IKV L . -24.55 -2.12 -21.01
C7 A1IKV L . -19.85 -10.29 -18.23
C8 A1IKV L . -18.19 -9.53 -16.86
N2 A1IKV L . -25.63 -3.90 -22.05
C9 A1IKV L . -19.03 -8.41 -17.47
O1 A1IKV L . -18.68 -10.52 -21.52
C1 A1IKV L . -23.19 -10.41 -22.48
O5 A1IKV L . -19.53 -6.10 -17.95
C5 A1IKV L . -18.08 -11.75 -21.11
C6 A1IKV L . -19.31 -8.99 -18.84
N3 A1IKV L . -22.48 -7.21 -14.23
C4 A1IKV L . -19.09 -12.86 -21.23
O4 A1IKV L . -18.81 -10.73 -17.37
C3 A1IKV L . -21.34 -13.34 -21.13
O3 A1IKV L . -18.09 -9.22 -19.60
C2 A1IKV L . -22.23 -11.19 -21.96
N4 A1IKV L . -22.92 -9.52 -14.56
N A1IKV L . -22.41 -12.51 -21.70
C A1IKV L . -23.01 -8.94 -22.77
O A1IKV L . -20.34 -12.50 -20.59
C10 A1IKV L . -18.52 -7.00 -17.46
C11 A1IKV L . -20.82 -5.03 -15.42
C12 A1IKV L . -20.31 -5.94 -14.33
C13 A1IKV L . -20.19 -3.77 -13.54
C14 A1IKV L . -21.40 -4.03 -14.43
C15 A1IKV L . -22.13 -2.82 -14.99
C16 A1IKV L . -24.01 -1.38 -18.11
C17 A1IKV L . -25.24 -0.93 -18.90
C18 A1IKV L . -24.17 0.97 -18.24
C19 A1IKV L . -23.21 -0.16 -18.60
C20 A1IKV L . -21.77 0.01 -18.19
C21 A1IKV L . -24.63 -0.83 -20.30
C22 A1IKV L . -23.36 -2.81 -21.17
C23 A1IKV L . -23.26 -4.02 -21.73
C24 A1IKV L . -21.96 -4.77 -21.88
C25 A1IKV L . -24.48 -4.64 -22.22
C26 A1IKV L . -25.73 -2.65 -21.47
C27 A1IKV L . -21.63 -6.18 -13.61
C28 A1IKV L . -23.62 -6.91 -14.92
C29 A1IKV L . -24.43 -7.84 -15.44
C30 A1IKV L . -25.69 -7.52 -16.20
C31 A1IKV L . -24.04 -9.20 -15.23
C32 A1IKV L . -22.11 -8.55 -14.05
C33 A1IKV L . -20.92 -9.71 -17.32
C34 A1IKV L . -22.61 -8.16 -18.43
C35 A1IKV L . -24.09 -9.54 -19.08
C36 A1IKV L . -25.18 -10.25 -19.60
C37 A1IKV L . -24.19 -12.17 -18.80
C38 A1IKV L . -23.11 -10.29 -18.44
C39 A1IKV L . -18.75 -14.29 -20.76
C40 A1IKV L . -20.58 -14.19 -22.14
C41 A1IKV L . -19.55 -13.18 -22.66
C42 A1IKV L . -23.64 -13.11 -21.96
C43 A1IKV L . -24.45 -11.06 -22.75
N10 A1IKV L . -23.11 -11.62 -18.26
N11 A1IKV L . -24.64 -12.35 -22.49
N12 A1IKV L . -25.46 -10.37 -23.28
N5 A1IKV L . -24.80 -10.19 -15.67
N6 A1IKV L . -22.16 -9.39 -18.02
N7 A1IKV L . -23.76 -8.20 -19.07
N8 A1IKV L . -26.20 -9.67 -20.25
N9 A1IKV L . -25.20 -11.59 -19.45
O10 A1IKV L . -25.69 -3.48 -16.38
O11 A1IKV L . -24.32 -1.37 -16.68
O12 A1IKV L . -25.46 0.42 -18.48
O13 A1IKV L . -21.29 1.33 -18.44
O14 A1IKV L . -23.31 -0.33 -20.04
O15 A1IKV L . -24.53 -5.75 -22.74
O16 A1IKV L . -26.80 -2.07 -21.38
O17 A1IKV L . -22.28 -4.91 -13.69
O18 A1IKV L . -21.09 -8.81 -13.42
O19 A1IKV L . -20.34 -8.51 -16.85
O2 A1IKV L . -16.57 -9.11 -21.60
O20 A1IKV L . -19.77 -15.09 -21.37
O21 A1IKV L . -18.53 -13.74 -23.47
O22 A1IKV L . -23.79 -14.32 -21.71
O6 A1IKV L . -18.19 -3.97 -18.05
O7 A1IKV L . -19.72 -4.46 -16.17
O8 A1IKV L . -19.56 -5.06 -13.47
O9 A1IKV L . -23.31 -3.35 -15.61
P A1IKV L . -18.02 -9.13 -21.17
P1 A1IKV L . -19.50 -4.56 -17.72
P2 A1IKV L . -24.67 -2.59 -15.76
S A1IKV L . -19.19 -7.60 -21.74
S1 A1IKV L . -21.05 -3.74 -18.66
S2 A1IKV L . -25.12 -1.52 -14.12
#